data_8JKP
#
_entry.id   8JKP
#
_cell.length_a   68.919
_cell.length_b   68.919
_cell.length_c   88.332
_cell.angle_alpha   90.00
_cell.angle_beta   90.00
_cell.angle_gamma   120.00
#
_symmetry.space_group_name_H-M   'P 32 2 1'
#
loop_
_entity.id
_entity.type
_entity.pdbx_description
1 polymer "bis(5'-nucleosyl)-tetraphosphatase (symmetrical)"
2 non-polymer "THYMIDINE-5'-PHOSPHATE"
3 non-polymer GLYCEROL
4 non-polymer 'FE (III) ION'
5 non-polymer 'SULFATE ION'
6 water water
#
_entity_poly.entity_id   1
_entity_poly.type   'polypeptide(L)'
_entity_poly.pdbx_seq_one_letter_code
;MSYQDYINCSREALLEKMAELLPEKRLTHCLGVERAAMELAQRFGVDVEKASLAGLLHDYAKKLSDQEFLVLIDRYQLDP
DLKNWGNNVWHGMVGIYKIQEDLDLHDSEILRAIEIHTVGAGQMTDLDKVIYVADYIEHNRAFPGVDVAREIASLSLNKA
VAYETARTVEYLAHQGFPIYPQTLETYNAFVHYLKEDLEENLYFQGHHHHHHHHHH
;
_entity_poly.pdbx_strand_id   A
#
loop_
_chem_comp.id
_chem_comp.type
_chem_comp.name
_chem_comp.formula
FE non-polymer 'FE (III) ION' 'Fe 3'
GOL non-polymer GLYCEROL 'C3 H8 O3'
SO4 non-polymer 'SULFATE ION' 'O4 S -2'
TMP non-polymer THYMIDINE-5'-PHOSPHATE 'C10 H15 N2 O8 P'
#
# COMPACT_ATOMS: atom_id res chain seq x y z
N SER A 2 -9.35 18.19 5.39
CA SER A 2 -9.92 17.04 6.14
C SER A 2 -10.09 15.86 5.19
N TYR A 3 -10.30 14.68 5.76
CA TYR A 3 -10.56 13.46 4.98
C TYR A 3 -11.81 13.59 4.09
N GLN A 4 -12.81 14.34 4.55
CA GLN A 4 -14.03 14.62 3.78
C GLN A 4 -13.77 15.38 2.48
N ASP A 5 -12.60 16.00 2.34
CA ASP A 5 -12.18 16.60 1.08
C ASP A 5 -11.92 15.54 -0.01
N TYR A 6 -11.75 14.28 0.41
CA TYR A 6 -11.36 13.19 -0.49
C TYR A 6 -12.34 12.04 -0.57
N ILE A 7 -12.97 11.74 0.55
CA ILE A 7 -13.94 10.65 0.65
C ILE A 7 -15.28 11.19 1.18
N ASN A 8 -16.28 10.30 1.21
CA ASN A 8 -17.67 10.67 1.46
C ASN A 8 -18.08 10.59 2.92
N CYS A 9 -17.10 10.65 3.83
CA CYS A 9 -17.32 10.56 5.27
C CYS A 9 -16.09 11.07 6.03
N SER A 10 -16.28 11.31 7.33
CA SER A 10 -15.25 11.84 8.22
C SER A 10 -14.29 10.72 8.59
N ARG A 11 -13.10 11.09 9.12
CA ARG A 11 -12.16 10.08 9.62
C ARG A 11 -12.85 9.14 10.62
N GLU A 12 -13.56 9.71 11.59
CA GLU A 12 -14.24 8.94 12.63
C GLU A 12 -15.23 7.93 12.04
N ALA A 13 -16.00 8.34 11.04
CA ALA A 13 -16.95 7.46 10.35
C ALA A 13 -16.23 6.36 9.56
N LEU A 14 -15.13 6.74 8.90
CA LEU A 14 -14.28 5.79 8.18
C LEU A 14 -13.75 4.69 9.11
N LEU A 15 -13.25 5.08 10.28
CA LEU A 15 -12.73 4.11 11.24
C LEU A 15 -13.81 3.13 11.72
N GLU A 16 -15.05 3.64 11.86
CA GLU A 16 -16.18 2.78 12.22
C GLU A 16 -16.47 1.77 11.11
N LYS A 17 -16.50 2.23 9.86
CA LYS A 17 -16.69 1.36 8.69
C LYS A 17 -15.59 0.30 8.59
N MET A 18 -14.34 0.73 8.82
CA MET A 18 -13.18 -0.15 8.70
C MET A 18 -13.09 -1.19 9.81
N ALA A 19 -13.57 -0.83 11.01
CA ALA A 19 -13.64 -1.75 12.14
C ALA A 19 -14.58 -2.94 11.89
N GLU A 20 -15.53 -2.77 10.97
CA GLU A 20 -16.43 -3.82 10.47
C GLU A 20 -15.76 -4.75 9.46
N LEU A 21 -14.95 -4.16 8.57
CA LEU A 21 -14.35 -4.88 7.45
C LEU A 21 -13.08 -5.61 7.81
N LEU A 22 -12.39 -5.14 8.84
CA LEU A 22 -11.06 -5.63 9.14
C LEU A 22 -10.99 -6.22 10.52
N PRO A 23 -10.21 -7.32 10.70
CA PRO A 23 -9.90 -7.79 12.04
C PRO A 23 -9.06 -6.76 12.78
N GLU A 24 -9.07 -6.80 14.11
CA GLU A 24 -8.45 -5.76 14.95
C GLU A 24 -6.99 -5.44 14.59
N LYS A 25 -6.20 -6.51 14.44
CA LYS A 25 -4.76 -6.42 14.15
C LYS A 25 -4.50 -5.68 12.83
N ARG A 26 -5.37 -5.89 11.85
CA ARG A 26 -5.27 -5.24 10.53
C ARG A 26 -5.63 -3.75 10.59
N LEU A 27 -6.67 -3.42 11.35
CA LEU A 27 -7.02 -2.01 11.56
C LEU A 27 -5.91 -1.27 12.30
N THR A 28 -5.38 -1.86 13.36
CA THR A 28 -4.22 -1.31 14.10
C THR A 28 -3.05 -1.05 13.15
N HIS A 29 -2.79 -2.01 12.26
CA HIS A 29 -1.79 -1.87 11.19
C HIS A 29 -2.07 -0.64 10.36
N CYS A 30 -3.31 -0.47 9.90
CA CYS A 30 -3.68 0.67 9.03
C CYS A 30 -3.49 2.00 9.76
N LEU A 31 -3.85 2.01 11.05
CA LEU A 31 -3.58 3.15 11.93
C LEU A 31 -2.09 3.43 12.05
N GLY A 32 -1.28 2.37 12.16
CA GLY A 32 0.17 2.52 12.19
C GLY A 32 0.71 3.12 10.90
N VAL A 33 0.17 2.66 9.76
CA VAL A 33 0.61 3.14 8.45
C VAL A 33 0.19 4.60 8.28
N GLU A 34 -1.00 4.97 8.73
CA GLU A 34 -1.46 6.36 8.71
C GLU A 34 -0.42 7.28 9.41
N ARG A 35 0.02 6.85 10.59
CA ARG A 35 1.00 7.60 11.37
C ARG A 35 2.38 7.64 10.71
N ALA A 36 2.88 6.47 10.28
CA ALA A 36 4.20 6.42 9.64
C ALA A 36 4.22 7.22 8.33
N ALA A 37 3.13 7.17 7.57
CA ALA A 37 3.03 7.89 6.30
C ALA A 37 3.07 9.42 6.51
N MET A 38 2.41 9.87 7.57
CA MET A 38 2.46 11.27 7.97
C MET A 38 3.90 11.69 8.25
N GLU A 39 4.63 10.93 9.06
CA GLU A 39 6.01 11.24 9.43
C GLU A 39 6.95 11.28 8.23
N LEU A 40 6.83 10.27 7.36
CA LEU A 40 7.64 10.19 6.14
C LEU A 40 7.33 11.33 5.19
N ALA A 41 6.03 11.65 5.04
CA ALA A 41 5.59 12.72 4.15
C ALA A 41 6.17 14.07 4.56
N GLN A 42 6.13 14.32 5.87
CA GLN A 42 6.69 15.52 6.46
C GLN A 42 8.19 15.61 6.16
N ARG A 43 8.92 14.51 6.40
CA ARG A 43 10.37 14.43 6.12
C ARG A 43 10.74 14.67 4.65
N PHE A 44 9.93 14.14 3.74
CA PHE A 44 10.30 14.17 2.34
C PHE A 44 9.44 15.09 1.50
N GLY A 45 8.69 15.98 2.14
CA GLY A 45 7.94 17.03 1.45
C GLY A 45 6.79 16.53 0.57
N VAL A 46 6.07 15.53 1.09
CA VAL A 46 4.84 15.01 0.46
C VAL A 46 3.67 15.52 1.28
N ASP A 47 2.55 15.81 0.60
CA ASP A 47 1.30 16.22 1.24
C ASP A 47 0.95 15.24 2.38
N VAL A 48 0.99 15.74 3.61
CA VAL A 48 0.83 14.89 4.80
C VAL A 48 -0.58 14.32 4.92
N GLU A 49 -1.56 15.06 4.42
CA GLU A 49 -2.95 14.67 4.47
C GLU A 49 -3.23 13.54 3.45
N LYS A 50 -2.76 13.70 2.23
CA LYS A 50 -2.87 12.64 1.22
C LYS A 50 -2.14 11.38 1.68
N ALA A 51 -0.96 11.56 2.27
CA ALA A 51 -0.16 10.46 2.82
C ALA A 51 -0.87 9.73 3.95
N SER A 52 -1.43 10.48 4.90
CA SER A 52 -2.19 9.92 6.02
C SER A 52 -3.40 9.13 5.55
N LEU A 53 -4.16 9.68 4.61
CA LEU A 53 -5.36 9.04 4.15
C LEU A 53 -5.06 7.76 3.36
N ALA A 54 -4.12 7.85 2.41
CA ALA A 54 -3.66 6.70 1.64
C ALA A 54 -3.11 5.61 2.55
N GLY A 55 -2.36 6.03 3.58
CA GLY A 55 -1.80 5.13 4.59
C GLY A 55 -2.87 4.40 5.38
N LEU A 56 -3.88 5.15 5.84
CA LEU A 56 -5.02 4.54 6.51
C LEU A 56 -5.81 3.57 5.59
N LEU A 57 -6.00 3.96 4.33
CA LEU A 57 -6.76 3.17 3.37
C LEU A 57 -6.05 2.00 2.68
N HIS A 58 -4.73 1.90 2.78
CA HIS A 58 -3.99 1.06 1.82
C HIS A 58 -4.42 -0.43 1.87
N ASP A 59 -4.78 -0.91 3.06
CA ASP A 59 -5.21 -2.31 3.29
C ASP A 59 -6.72 -2.46 3.53
N TYR A 60 -7.51 -1.46 3.14
CA TYR A 60 -8.98 -1.44 3.27
C TYR A 60 -9.64 -2.71 2.71
N ALA A 61 -9.17 -3.16 1.55
CA ALA A 61 -9.79 -4.27 0.81
C ALA A 61 -9.10 -5.62 1.07
N LYS A 62 -8.32 -5.68 2.15
CA LYS A 62 -7.52 -6.86 2.48
C LYS A 62 -8.37 -8.13 2.66
N LYS A 63 -9.60 -7.97 3.18
CA LYS A 63 -10.47 -9.11 3.51
C LYS A 63 -11.62 -9.36 2.52
N LEU A 64 -11.59 -8.72 1.35
CA LEU A 64 -12.56 -9.07 0.27
C LEU A 64 -12.32 -10.50 -0.18
N SER A 65 -13.40 -11.18 -0.58
CA SER A 65 -13.28 -12.55 -1.07
C SER A 65 -12.68 -12.58 -2.48
N ASP A 66 -12.11 -13.73 -2.83
CA ASP A 66 -11.65 -13.96 -4.19
C ASP A 66 -12.76 -13.64 -5.19
N GLN A 67 -13.99 -14.05 -4.88
CA GLN A 67 -15.13 -13.83 -5.79
C GLN A 67 -15.31 -12.36 -6.10
N GLU A 68 -15.32 -11.54 -5.04
CA GLU A 68 -15.47 -10.10 -5.15
C GLU A 68 -14.38 -9.49 -6.02
N PHE A 69 -13.13 -9.89 -5.79
CA PHE A 69 -12.04 -9.40 -6.64
C PHE A 69 -12.25 -9.78 -8.09
N LEU A 70 -12.68 -11.01 -8.35
CA LEU A 70 -12.87 -11.46 -9.73
C LEU A 70 -13.98 -10.65 -10.40
N VAL A 71 -15.08 -10.44 -9.68
CA VAL A 71 -16.18 -9.55 -10.12
C VAL A 71 -15.63 -8.18 -10.51
N LEU A 72 -14.75 -7.61 -9.67
CA LEU A 72 -14.22 -6.28 -9.93
C LEU A 72 -13.32 -6.24 -11.16
N ILE A 73 -12.54 -7.30 -11.36
CA ILE A 73 -11.69 -7.45 -12.56
C ILE A 73 -12.55 -7.39 -13.83
N ASP A 74 -13.63 -8.17 -13.88
CA ASP A 74 -14.58 -8.14 -15.03
C ASP A 74 -15.29 -6.80 -15.20
N ARG A 75 -15.87 -6.33 -14.10
CA ARG A 75 -16.57 -5.06 -14.02
C ARG A 75 -15.80 -3.90 -14.59
N TYR A 76 -14.55 -3.76 -14.15
CA TYR A 76 -13.71 -2.67 -14.59
C TYR A 76 -12.84 -3.06 -15.78
N GLN A 77 -13.05 -4.28 -16.28
CA GLN A 77 -12.36 -4.80 -17.47
C GLN A 77 -10.85 -4.59 -17.31
N LEU A 78 -10.33 -5.07 -16.18
CA LEU A 78 -8.91 -4.92 -15.87
C LEU A 78 -8.10 -5.98 -16.59
N ASP A 79 -6.77 -5.85 -16.52
CA ASP A 79 -5.84 -6.84 -17.07
C ASP A 79 -6.34 -8.25 -16.73
N PRO A 80 -6.68 -9.06 -17.77
CA PRO A 80 -7.18 -10.43 -17.49
C PRO A 80 -6.14 -11.33 -16.83
N ASP A 81 -4.85 -11.05 -17.05
CA ASP A 81 -3.80 -11.79 -16.34
C ASP A 81 -3.97 -11.74 -14.82
N LEU A 82 -4.65 -10.70 -14.30
CA LEU A 82 -4.87 -10.57 -12.86
C LEU A 82 -5.56 -11.77 -12.23
N LYS A 83 -6.43 -12.40 -13.00
CA LYS A 83 -7.14 -13.59 -12.54
C LYS A 83 -6.18 -14.75 -12.19
N ASN A 84 -4.96 -14.70 -12.70
CA ASN A 84 -3.94 -15.70 -12.35
C ASN A 84 -3.31 -15.54 -10.97
N TRP A 85 -3.68 -14.48 -10.26
CA TRP A 85 -2.98 -14.12 -9.03
C TRP A 85 -3.90 -14.28 -7.82
N GLY A 86 -3.68 -13.52 -6.77
CA GLY A 86 -4.47 -13.66 -5.57
C GLY A 86 -4.51 -12.39 -4.78
N ASN A 87 -5.04 -12.51 -3.57
CA ASN A 87 -5.28 -11.42 -2.63
C ASN A 87 -4.07 -10.49 -2.51
N ASN A 88 -2.86 -11.07 -2.40
CA ASN A 88 -1.60 -10.33 -2.28
C ASN A 88 -1.50 -9.25 -3.37
N VAL A 89 -1.73 -9.62 -4.61
CA VAL A 89 -1.74 -8.68 -5.73
C VAL A 89 -3.03 -7.84 -5.73
N TRP A 90 -4.17 -8.48 -5.45
CA TRP A 90 -5.49 -7.88 -5.69
C TRP A 90 -5.87 -6.76 -4.72
N HIS A 91 -5.56 -6.93 -3.43
CA HIS A 91 -6.09 -6.01 -2.39
C HIS A 91 -5.73 -4.54 -2.64
N GLY A 92 -4.54 -4.29 -3.21
CA GLY A 92 -4.20 -2.96 -3.71
C GLY A 92 -4.62 -2.74 -5.16
N MET A 93 -4.20 -3.65 -6.04
CA MET A 93 -4.30 -3.43 -7.49
C MET A 93 -5.74 -3.39 -7.98
N VAL A 94 -6.59 -4.20 -7.37
CA VAL A 94 -8.02 -4.31 -7.67
C VAL A 94 -8.86 -3.65 -6.57
N GLY A 95 -8.38 -3.74 -5.32
CA GLY A 95 -9.08 -3.17 -4.16
C GLY A 95 -9.37 -1.68 -4.23
N ILE A 96 -8.56 -0.95 -5.00
CA ILE A 96 -8.83 0.48 -5.22
C ILE A 96 -10.23 0.75 -5.80
N TYR A 97 -10.77 -0.18 -6.58
CA TYR A 97 -12.12 0.00 -7.13
C TYR A 97 -13.20 -0.17 -6.07
N LYS A 98 -12.98 -1.07 -5.11
CA LYS A 98 -13.87 -1.20 -3.95
C LYS A 98 -13.90 0.05 -3.09
N ILE A 99 -12.71 0.62 -2.86
CA ILE A 99 -12.52 1.84 -2.09
C ILE A 99 -13.27 2.98 -2.77
N GLN A 100 -13.11 3.09 -4.08
CA GLN A 100 -13.77 4.11 -4.87
C GLN A 100 -15.30 3.99 -4.78
N GLU A 101 -15.81 2.76 -4.88
CA GLU A 101 -17.23 2.46 -4.77
C GLU A 101 -17.77 2.81 -3.40
N ASP A 102 -17.08 2.36 -2.35
CA ASP A 102 -17.52 2.55 -0.96
C ASP A 102 -17.41 3.99 -0.48
N LEU A 103 -16.33 4.67 -0.86
CA LEU A 103 -15.98 5.97 -0.26
C LEU A 103 -16.00 7.14 -1.22
N ASP A 104 -16.30 6.90 -2.50
CA ASP A 104 -16.31 7.94 -3.54
C ASP A 104 -14.95 8.66 -3.68
N LEU A 105 -13.86 7.90 -3.47
CA LEU A 105 -12.51 8.40 -3.63
C LEU A 105 -12.18 8.51 -5.12
N HIS A 106 -11.79 9.71 -5.55
CA HIS A 106 -11.45 10.00 -6.95
C HIS A 106 -10.05 10.57 -7.16
N ASP A 107 -9.38 10.98 -6.09
CA ASP A 107 -8.04 11.56 -6.21
C ASP A 107 -7.09 10.55 -6.85
N SER A 108 -6.49 10.91 -8.00
CA SER A 108 -5.67 9.96 -8.75
C SER A 108 -4.36 9.60 -8.03
N GLU A 109 -3.80 10.55 -7.29
CA GLU A 109 -2.55 10.33 -6.56
C GLU A 109 -2.70 9.33 -5.42
N ILE A 110 -3.78 9.48 -4.63
CA ILE A 110 -4.09 8.58 -3.52
C ILE A 110 -4.42 7.17 -4.04
N LEU A 111 -5.26 7.10 -5.08
CA LEU A 111 -5.67 5.83 -5.67
C LEU A 111 -4.44 5.05 -6.16
N ARG A 112 -3.54 5.75 -6.83
CA ARG A 112 -2.32 5.15 -7.35
C ARG A 112 -1.41 4.64 -6.24
N ALA A 113 -1.21 5.44 -5.19
CA ALA A 113 -0.41 5.03 -4.03
C ALA A 113 -0.94 3.76 -3.36
N ILE A 114 -2.26 3.67 -3.22
CA ILE A 114 -2.89 2.45 -2.71
C ILE A 114 -2.74 1.30 -3.73
N GLU A 115 -2.94 1.62 -5.02
CA GLU A 115 -2.90 0.62 -6.09
C GLU A 115 -1.62 -0.23 -6.07
N ILE A 116 -0.47 0.43 -5.97
CA ILE A 116 0.84 -0.23 -6.11
C ILE A 116 1.59 -0.37 -4.78
N HIS A 117 0.86 -0.29 -3.66
CA HIS A 117 1.47 -0.33 -2.32
C HIS A 117 2.19 -1.66 -2.03
N THR A 118 1.77 -2.74 -2.69
CA THR A 118 2.39 -4.07 -2.48
C THR A 118 3.54 -4.28 -3.48
N VAL A 119 3.27 -3.99 -4.76
CA VAL A 119 4.15 -4.42 -5.85
C VAL A 119 5.05 -3.29 -6.34
N GLY A 120 4.72 -2.04 -5.98
CA GLY A 120 5.42 -0.86 -6.48
C GLY A 120 5.24 -0.69 -7.98
N ALA A 121 6.09 0.12 -8.59
CA ALA A 121 6.21 0.21 -10.05
C ALA A 121 7.60 0.71 -10.40
N GLY A 122 8.01 0.57 -11.67
CA GLY A 122 9.29 1.12 -12.15
C GLY A 122 9.39 2.62 -11.92
N GLN A 123 8.23 3.28 -11.96
CA GLN A 123 8.10 4.69 -11.76
C GLN A 123 7.12 4.94 -10.64
N MET A 124 7.58 5.59 -9.58
CA MET A 124 6.73 5.84 -8.42
C MET A 124 6.85 7.30 -8.07
N THR A 125 5.71 7.92 -7.73
CA THR A 125 5.70 9.30 -7.20
C THR A 125 6.25 9.26 -5.78
N ASP A 126 6.60 10.41 -5.23
CA ASP A 126 7.03 10.43 -3.84
C ASP A 126 5.93 9.91 -2.90
N LEU A 127 4.66 10.24 -3.19
CA LEU A 127 3.53 9.72 -2.41
C LEU A 127 3.46 8.18 -2.44
N ASP A 128 3.54 7.62 -3.65
CA ASP A 128 3.64 6.16 -3.86
C ASP A 128 4.70 5.58 -2.92
N LYS A 129 5.88 6.20 -2.93
CA LYS A 129 7.03 5.72 -2.16
C LYS A 129 6.78 5.79 -0.66
N VAL A 130 6.16 6.88 -0.22
CA VAL A 130 5.82 7.08 1.19
C VAL A 130 4.92 5.94 1.68
N ILE A 131 3.89 5.61 0.91
CA ILE A 131 2.95 4.56 1.33
C ILE A 131 3.64 3.19 1.36
N TYR A 132 4.40 2.91 0.30
CA TYR A 132 5.14 1.65 0.13
C TYR A 132 6.07 1.38 1.31
N VAL A 133 6.78 2.43 1.75
CA VAL A 133 7.71 2.35 2.88
C VAL A 133 6.98 2.36 4.23
N ALA A 134 6.00 3.26 4.39
CA ALA A 134 5.20 3.39 5.63
C ALA A 134 4.58 2.06 6.06
N ASP A 135 4.08 1.32 5.06
CA ASP A 135 3.52 -0.03 5.21
C ASP A 135 4.49 -0.99 5.92
N TYR A 136 5.76 -0.89 5.52
CA TYR A 136 6.85 -1.77 5.96
C TYR A 136 7.38 -1.38 7.34
N ILE A 137 7.39 -0.09 7.64
CA ILE A 137 8.08 0.41 8.84
C ILE A 137 7.17 0.83 10.01
N GLU A 138 5.86 0.81 9.81
CA GLU A 138 4.89 1.25 10.85
C GLU A 138 5.17 0.56 12.19
N HIS A 139 4.92 1.29 13.28
CA HIS A 139 5.42 0.91 14.62
C HIS A 139 4.99 -0.46 15.11
N ASN A 140 3.84 -0.95 14.64
CA ASN A 140 3.39 -2.29 15.02
C ASN A 140 4.23 -3.43 14.43
N ARG A 141 4.95 -3.21 13.33
CA ARG A 141 5.74 -4.33 12.75
C ARG A 141 6.98 -4.66 13.57
N ALA A 142 7.35 -5.93 13.63
CA ALA A 142 8.51 -6.34 14.42
C ALA A 142 9.38 -7.39 13.74
N PHE A 143 9.23 -7.55 12.42
CA PHE A 143 10.03 -8.53 11.69
C PHE A 143 11.54 -8.25 11.89
N PRO A 144 12.38 -9.32 11.84
CA PRO A 144 13.82 -9.09 12.02
C PRO A 144 14.34 -8.20 10.90
N GLY A 145 15.01 -7.12 11.28
CA GLY A 145 15.56 -6.18 10.31
C GLY A 145 14.75 -4.91 10.09
N VAL A 146 13.60 -4.79 10.75
CA VAL A 146 12.75 -3.58 10.62
C VAL A 146 13.49 -2.35 11.13
N ASP A 147 14.41 -2.56 12.09
CA ASP A 147 15.28 -1.47 12.58
C ASP A 147 16.13 -0.88 11.46
N VAL A 148 16.57 -1.73 10.52
CA VAL A 148 17.45 -1.29 9.43
C VAL A 148 16.60 -0.51 8.42
N ALA A 149 15.43 -1.06 8.08
CA ALA A 149 14.43 -0.35 7.26
C ALA A 149 14.09 1.04 7.81
N ARG A 150 13.91 1.13 9.13
CA ARG A 150 13.58 2.40 9.80
C ARG A 150 14.73 3.39 9.75
N GLU A 151 15.96 2.91 9.96
CA GLU A 151 17.14 3.78 9.81
C GLU A 151 17.25 4.30 8.38
N ILE A 152 17.10 3.41 7.40
CA ILE A 152 17.18 3.80 5.99
C ILE A 152 16.11 4.84 5.64
N ALA A 153 14.88 4.60 6.09
CA ALA A 153 13.76 5.50 5.80
C ALA A 153 13.92 6.92 6.41
N SER A 154 14.68 7.02 7.50
CA SER A 154 15.00 8.32 8.11
C SER A 154 15.95 9.17 7.23
N LEU A 155 16.64 8.51 6.30
CA LEU A 155 17.66 9.16 5.46
C LEU A 155 17.26 9.29 3.99
N SER A 156 16.70 8.22 3.42
CA SER A 156 16.44 8.20 1.99
C SER A 156 15.24 7.36 1.65
N LEU A 157 14.26 8.01 1.03
CA LEU A 157 13.03 7.38 0.59
C LEU A 157 13.31 6.33 -0.49
N ASN A 158 14.14 6.69 -1.46
CA ASN A 158 14.51 5.81 -2.57
C ASN A 158 15.25 4.59 -2.09
N LYS A 159 16.16 4.78 -1.13
CA LYS A 159 16.91 3.64 -0.61
C LYS A 159 16.00 2.74 0.24
N ALA A 160 15.01 3.32 0.92
CA ALA A 160 14.06 2.54 1.70
C ALA A 160 13.19 1.66 0.79
N VAL A 161 12.78 2.21 -0.37
CA VAL A 161 12.03 1.46 -1.39
C VAL A 161 12.86 0.27 -1.88
N ALA A 162 14.12 0.54 -2.23
CA ALA A 162 15.05 -0.47 -2.72
C ALA A 162 15.27 -1.59 -1.70
N TYR A 163 15.49 -1.20 -0.44
CA TYR A 163 15.71 -2.15 0.63
C TYR A 163 14.49 -3.07 0.82
N GLU A 164 13.31 -2.46 0.91
CA GLU A 164 12.08 -3.23 1.09
C GLU A 164 11.87 -4.17 -0.09
N THR A 165 12.04 -3.67 -1.32
CA THR A 165 11.76 -4.49 -2.51
C THR A 165 12.72 -5.67 -2.62
N ALA A 166 14.01 -5.44 -2.36
CA ALA A 166 15.00 -6.50 -2.35
C ALA A 166 14.65 -7.57 -1.30
N ARG A 167 14.32 -7.13 -0.08
CA ARG A 167 13.92 -8.06 0.97
C ARG A 167 12.68 -8.91 0.63
N THR A 168 11.69 -8.29 0.00
CA THR A 168 10.47 -8.98 -0.40
C THR A 168 10.74 -10.00 -1.51
N VAL A 169 11.50 -9.61 -2.54
CA VAL A 169 11.87 -10.52 -3.61
C VAL A 169 12.68 -11.68 -3.04
N GLU A 170 13.61 -11.38 -2.13
CA GLU A 170 14.42 -12.41 -1.48
C GLU A 170 13.54 -13.40 -0.69
N TYR A 171 12.64 -12.86 0.11
CA TYR A 171 11.68 -13.66 0.91
C TYR A 171 10.77 -14.53 0.03
N LEU A 172 10.18 -13.96 -1.02
CA LEU A 172 9.28 -14.74 -1.90
C LEU A 172 10.00 -15.91 -2.58
N ALA A 173 11.23 -15.65 -3.05
CA ALA A 173 12.05 -16.70 -3.66
C ALA A 173 12.47 -17.75 -2.63
N HIS A 174 12.83 -17.31 -1.42
CA HIS A 174 13.10 -18.19 -0.27
C HIS A 174 11.90 -19.11 -0.01
N GLN A 175 10.70 -18.56 -0.09
CA GLN A 175 9.47 -19.28 0.19
C GLN A 175 8.98 -20.14 -0.96
N GLY A 176 9.56 -19.95 -2.15
CA GLY A 176 9.08 -20.60 -3.37
C GLY A 176 7.72 -20.06 -3.80
N PHE A 177 7.49 -18.78 -3.57
CA PHE A 177 6.22 -18.15 -3.92
C PHE A 177 6.29 -17.39 -5.24
N PRO A 178 5.22 -17.44 -6.06
CA PRO A 178 5.25 -16.64 -7.30
C PRO A 178 5.47 -15.16 -7.00
N ILE A 179 6.16 -14.49 -7.91
CA ILE A 179 6.48 -13.08 -7.77
C ILE A 179 5.85 -12.30 -8.90
N TYR A 180 4.97 -11.37 -8.54
CA TYR A 180 4.28 -10.58 -9.55
C TYR A 180 5.30 -9.80 -10.41
N PRO A 181 5.18 -9.83 -11.75
CA PRO A 181 6.24 -9.22 -12.55
C PRO A 181 6.48 -7.71 -12.34
N GLN A 182 5.44 -6.96 -12.01
CA GLN A 182 5.61 -5.53 -11.69
C GLN A 182 6.53 -5.29 -10.48
N THR A 183 6.51 -6.22 -9.51
CA THR A 183 7.45 -6.20 -8.38
C THR A 183 8.92 -6.18 -8.85
N LEU A 184 9.21 -6.98 -9.88
CA LEU A 184 10.57 -7.00 -10.44
C LEU A 184 10.90 -5.70 -11.15
N GLU A 185 9.91 -5.07 -11.77
CA GLU A 185 10.14 -3.75 -12.36
C GLU A 185 10.59 -2.77 -11.29
N THR A 186 9.92 -2.78 -10.14
CA THR A 186 10.28 -1.93 -9.00
C THR A 186 11.70 -2.26 -8.55
N TYR A 187 11.94 -3.56 -8.34
CA TYR A 187 13.25 -4.07 -7.92
C TYR A 187 14.41 -3.53 -8.79
N ASN A 188 14.31 -3.73 -10.10
CA ASN A 188 15.38 -3.37 -11.01
C ASN A 188 15.54 -1.85 -11.12
N ALA A 189 14.42 -1.12 -11.05
CA ALA A 189 14.44 0.36 -11.05
C ALA A 189 15.13 0.95 -9.83
N PHE A 190 14.97 0.33 -8.66
CA PHE A 190 15.42 0.90 -7.39
C PHE A 190 16.69 0.32 -6.77
N VAL A 191 17.09 -0.88 -7.23
CA VAL A 191 18.17 -1.63 -6.59
C VAL A 191 19.52 -0.88 -6.51
N HIS A 192 19.82 -0.08 -7.56
CA HIS A 192 21.00 0.80 -7.58
C HIS A 192 21.13 1.70 -6.33
N TYR A 193 20.00 2.07 -5.72
CA TYR A 193 20.04 2.94 -4.55
C TYR A 193 20.68 2.32 -3.33
N LEU A 194 20.80 1.00 -3.35
CA LEU A 194 21.41 0.31 -2.25
C LEU A 194 22.91 0.58 -2.14
P TMP B . 1.67 -6.08 1.62
O1P TMP B . 2.98 -5.41 1.25
O2P TMP B . 0.45 -5.51 0.87
O3P TMP B . 1.46 -6.19 3.12
O5' TMP B . 1.90 -7.57 1.06
C5' TMP B . 1.15 -8.69 1.52
C4' TMP B . 1.79 -9.98 1.03
O4' TMP B . 1.92 -9.99 -0.40
C3' TMP B . 3.19 -10.22 1.60
O3' TMP B . 3.12 -11.34 2.46
C2' TMP B . 4.07 -10.59 0.41
C1' TMP B . 3.09 -10.72 -0.74
N1 TMP B . 3.65 -10.32 -2.05
C2 TMP B . 3.44 -11.23 -3.11
O2 TMP B . 2.81 -12.28 -2.91
N3 TMP B . 3.88 -11.02 -4.35
C4 TMP B . 4.55 -9.91 -4.62
O4 TMP B . 4.94 -9.76 -5.77
C5 TMP B . 4.80 -8.91 -3.52
C5M TMP B . 5.55 -7.64 -3.74
C6 TMP B . 4.32 -9.18 -2.24
C1 GOL C . 9.57 -10.46 5.46
O1 GOL C . 9.65 -9.94 6.78
C2 GOL C . 8.29 -9.91 4.84
O2 GOL C . 8.60 -9.64 3.47
C3 GOL C . 7.17 -10.93 4.97
O3 GOL C . 5.87 -10.35 5.18
FE FE D . -0.34 -2.97 4.94
FE FE E . -1.24 -4.46 1.61
S SO4 F . -5.35 -10.15 8.83
O1 SO4 F . -4.07 -10.58 8.23
O2 SO4 F . -5.95 -9.08 8.01
O3 SO4 F . -6.27 -11.31 8.90
O4 SO4 F . -5.10 -9.65 10.21
S SO4 G . 5.44 -8.33 11.67
O1 SO4 G . 5.80 -7.20 10.81
O2 SO4 G . 6.15 -9.54 11.20
O3 SO4 G . 3.98 -8.56 11.59
O4 SO4 G . 5.83 -8.05 13.08
#